data_4ZBD
#
_entry.id   4ZBD
#
_cell.length_a   93.455
_cell.length_b   50.096
_cell.length_c   97.141
_cell.angle_alpha   90.00
_cell.angle_beta   96.03
_cell.angle_gamma   90.00
#
_symmetry.space_group_name_H-M   'C 1 2 1'
#
loop_
_entity.id
_entity.type
_entity.pdbx_description
1 polymer PcUre2p6
2 non-polymer GLUTATHIONE
3 water water
#
_entity_poly.entity_id   1
_entity_poly.type   'polypeptide(L)'
_entity_poly.pdbx_seq_one_letter_code
;MSHGKQFTLYTHKGGPNGWKVTIVLEELGLTYESIFLDFQKGEHKAPEYLKVNPNGRIPALIDHKNNDYTVWESNAIIQY
LVDKYDKDRKVSVAPGTNEYYTQLQWLYFQASGQGPYYGQAAWFSVYHPEKVPSAIERYRNEIKRVLGVLESVLSKQEFL
VDGKATVADFSFLPWNEGAAKFLLEGSQFEEEFPATAKWHKKLLERPAIAKVWEERAKVSAH
;
_entity_poly.pdbx_strand_id   A,B
#
loop_
_chem_comp.id
_chem_comp.type
_chem_comp.name
_chem_comp.formula
GSH non-polymer GLUTATHIONE 'C10 H17 N3 O6 S'
#
# COMPACT_ATOMS: atom_id res chain seq x y z
N SER A 2 -16.59 24.06 10.41
CA SER A 2 -16.21 25.13 11.31
C SER A 2 -15.27 26.13 10.67
N HIS A 3 -15.03 26.02 9.36
CA HIS A 3 -13.92 26.77 8.76
C HIS A 3 -13.95 27.22 7.28
N GLY A 4 -15.04 26.96 6.59
CA GLY A 4 -15.18 27.42 5.22
C GLY A 4 -14.42 26.67 4.13
N LYS A 5 -13.68 25.63 4.50
N LYS A 5 -13.70 25.61 4.50
CA LYS A 5 -12.91 24.85 3.54
CA LYS A 5 -12.92 24.84 3.54
C LYS A 5 -13.63 23.56 3.23
C LYS A 5 -13.63 23.54 3.23
N GLN A 6 -13.43 23.01 2.03
CA GLN A 6 -14.12 21.79 1.64
C GLN A 6 -13.71 20.61 2.52
N PHE A 7 -12.41 20.54 2.85
CA PHE A 7 -11.88 19.39 3.57
C PHE A 7 -11.26 19.78 4.90
N THR A 8 -11.33 18.85 5.84
CA THR A 8 -10.46 18.84 7.00
C THR A 8 -9.41 17.73 6.73
N LEU A 9 -8.14 18.09 6.81
CA LEU A 9 -7.01 17.19 6.61
C LEU A 9 -6.26 17.09 7.92
N TYR A 10 -6.28 15.90 8.53
CA TYR A 10 -5.44 15.59 9.68
C TYR A 10 -4.08 15.17 9.16
N THR A 11 -3.05 15.84 9.66
CA THR A 11 -1.73 15.74 9.11
C THR A 11 -0.66 15.97 10.21
N HIS A 12 0.58 16.13 9.77
CA HIS A 12 1.72 16.28 10.63
C HIS A 12 2.71 17.18 9.96
N LYS A 13 3.40 18.02 10.71
CA LYS A 13 4.28 19.00 10.08
C LYS A 13 5.49 18.39 9.38
N GLY A 14 6.06 17.34 9.93
CA GLY A 14 7.32 16.79 9.43
C GLY A 14 7.23 15.57 8.54
N GLY A 15 6.30 14.68 8.84
CA GLY A 15 6.25 13.41 8.14
C GLY A 15 5.84 13.55 6.68
N PRO A 16 6.16 12.57 5.85
CA PRO A 16 5.90 12.72 4.41
C PRO A 16 4.43 12.54 3.97
N ASN A 17 3.64 11.78 4.72
CA ASN A 17 2.39 11.28 4.15
C ASN A 17 1.24 12.26 4.13
N GLY A 18 1.22 13.21 5.05
CA GLY A 18 0.24 14.29 4.97
C GLY A 18 0.56 15.23 3.83
N TRP A 19 1.84 15.57 3.66
CA TRP A 19 2.24 16.40 2.55
C TRP A 19 1.91 15.77 1.21
N LYS A 20 2.00 14.44 1.13
CA LYS A 20 1.60 13.73 -0.08
C LYS A 20 0.17 14.06 -0.51
N VAL A 21 -0.75 14.03 0.45
CA VAL A 21 -2.12 14.38 0.15
C VAL A 21 -2.28 15.88 -0.16
N THR A 22 -1.56 16.72 0.57
CA THR A 22 -1.63 18.16 0.36
C THR A 22 -1.24 18.52 -1.08
N ILE A 23 -0.22 17.85 -1.61
CA ILE A 23 0.16 18.03 -3.01
C ILE A 23 -1.03 17.85 -3.95
N VAL A 24 -1.80 16.80 -3.72
CA VAL A 24 -2.92 16.48 -4.59
C VAL A 24 -4.04 17.49 -4.40
N LEU A 25 -4.36 17.85 -3.15
CA LEU A 25 -5.37 18.86 -2.90
C LEU A 25 -5.04 20.15 -3.64
N GLU A 26 -3.78 20.57 -3.59
CA GLU A 26 -3.38 21.81 -4.23
C GLU A 26 -3.40 21.67 -5.75
N GLU A 27 -2.88 20.57 -6.29
CA GLU A 27 -2.96 20.34 -7.73
C GLU A 27 -4.40 20.41 -8.24
N LEU A 28 -5.36 19.96 -7.42
CA LEU A 28 -6.76 19.98 -7.81
C LEU A 28 -7.49 21.30 -7.49
N GLY A 29 -6.78 22.25 -6.92
CA GLY A 29 -7.37 23.54 -6.60
C GLY A 29 -8.43 23.50 -5.52
N LEU A 30 -8.33 22.55 -4.59
CA LEU A 30 -9.33 22.35 -3.56
C LEU A 30 -8.91 23.06 -2.28
N THR A 31 -9.90 23.39 -1.45
CA THR A 31 -9.64 24.09 -0.19
C THR A 31 -9.66 23.12 0.98
N TYR A 32 -8.78 23.36 1.94
CA TYR A 32 -8.60 22.44 3.05
C TYR A 32 -8.08 23.16 4.27
N GLU A 33 -8.52 22.69 5.43
CA GLU A 33 -8.02 23.10 6.74
C GLU A 33 -7.12 21.99 7.24
N SER A 34 -5.85 22.30 7.45
CA SER A 34 -4.89 21.32 7.95
C SER A 34 -4.86 21.37 9.46
N ILE A 35 -5.08 20.22 10.08
CA ILE A 35 -4.95 20.05 11.51
C ILE A 35 -3.68 19.24 11.73
N PHE A 36 -2.63 19.89 12.23
CA PHE A 36 -1.32 19.25 12.43
C PHE A 36 -1.32 18.61 13.82
N LEU A 37 -1.25 17.29 13.88
CA LEU A 37 -1.26 16.59 15.16
C LEU A 37 0.13 16.60 15.77
N ASP A 38 0.16 16.70 17.08
CA ASP A 38 1.40 16.68 17.85
C ASP A 38 1.63 15.27 18.36
N PHE A 39 2.56 14.56 17.72
CA PHE A 39 2.82 13.17 18.08
C PHE A 39 3.47 13.06 19.46
N GLN A 40 4.24 14.07 19.87
CA GLN A 40 4.91 14.02 21.16
C GLN A 40 3.89 14.08 22.30
N LYS A 41 2.76 14.71 22.03
CA LYS A 41 1.65 14.76 22.99
C LYS A 41 0.69 13.58 22.82
N GLY A 42 0.99 12.67 21.90
CA GLY A 42 0.17 11.50 21.66
C GLY A 42 -1.17 11.78 21.00
N GLU A 43 -1.30 12.91 20.31
CA GLU A 43 -2.59 13.28 19.77
C GLU A 43 -3.12 12.27 18.73
N HIS A 44 -2.21 11.64 18.00
CA HIS A 44 -2.61 10.64 17.01
C HIS A 44 -3.14 9.36 17.61
N LYS A 45 -2.89 9.16 18.90
CA LYS A 45 -3.37 7.98 19.61
C LYS A 45 -4.50 8.30 20.58
N ALA A 46 -4.91 9.56 20.65
CA ALA A 46 -5.95 9.99 21.56
C ALA A 46 -7.32 9.59 21.01
N PRO A 47 -8.27 9.33 21.91
CA PRO A 47 -9.62 8.91 21.48
C PRO A 47 -10.26 9.86 20.45
N GLU A 48 -10.01 11.16 20.60
CA GLU A 48 -10.55 12.17 19.68
C GLU A 48 -10.14 11.93 18.25
N TYR A 49 -8.93 11.40 18.04
CA TYR A 49 -8.47 11.10 16.69
C TYR A 49 -8.77 9.66 16.28
N LEU A 50 -8.77 8.73 17.23
CA LEU A 50 -9.06 7.35 16.88
C LEU A 50 -10.43 7.17 16.26
N LYS A 51 -11.38 8.04 16.61
CA LYS A 51 -12.71 8.00 15.96
C LYS A 51 -12.65 8.40 14.49
N VAL A 52 -11.60 9.11 14.10
CA VAL A 52 -11.38 9.50 12.72
C VAL A 52 -10.60 8.42 11.97
N ASN A 53 -9.50 7.95 12.57
CA ASN A 53 -8.72 6.86 12.00
C ASN A 53 -8.34 5.91 13.12
N PRO A 54 -8.98 4.72 13.15
CA PRO A 54 -8.67 3.79 14.24
C PRO A 54 -7.21 3.28 14.21
N ASN A 55 -6.51 3.45 13.11
CA ASN A 55 -5.10 3.12 13.05
C ASN A 55 -4.24 4.14 13.80
N GLY A 56 -4.76 5.34 14.06
CA GLY A 56 -3.98 6.28 14.83
C GLY A 56 -2.74 6.77 14.11
N ARG A 57 -2.86 6.99 12.78
CA ARG A 57 -1.81 7.57 11.96
C ARG A 57 -2.45 8.61 11.05
N ILE A 58 -1.67 9.56 10.62
CA ILE A 58 -2.11 10.56 9.64
C ILE A 58 -1.61 10.13 8.27
N PRO A 59 -2.26 10.59 7.18
CA PRO A 59 -3.38 11.52 7.15
C PRO A 59 -4.76 10.84 7.23
N ALA A 60 -5.75 11.70 7.48
CA ALA A 60 -7.17 11.36 7.35
C ALA A 60 -7.85 12.59 6.75
N LEU A 61 -8.88 12.37 5.95
CA LEU A 61 -9.60 13.43 5.25
C LEU A 61 -11.10 13.35 5.52
N ILE A 62 -11.72 14.50 5.81
CA ILE A 62 -13.16 14.63 5.91
C ILE A 62 -13.62 15.58 4.81
N ASP A 63 -14.57 15.13 4.00
CA ASP A 63 -15.08 15.91 2.89
C ASP A 63 -16.42 16.53 3.29
N HIS A 64 -16.37 17.81 3.61
CA HIS A 64 -17.56 18.51 4.07
C HIS A 64 -18.54 18.84 2.96
N LYS A 65 -18.19 18.56 1.71
CA LYS A 65 -19.14 18.65 0.60
C LYS A 65 -19.62 17.28 0.14
N ASN A 66 -19.35 16.25 0.95
CA ASN A 66 -19.88 14.92 0.74
C ASN A 66 -20.34 14.34 2.07
N ASN A 67 -21.19 15.09 2.77
CA ASN A 67 -21.78 14.66 4.04
C ASN A 67 -20.76 14.18 5.07
N ASP A 68 -19.62 14.86 5.10
CA ASP A 68 -18.56 14.57 6.05
C ASP A 68 -18.03 13.15 5.91
N TYR A 69 -18.06 12.62 4.67
CA TYR A 69 -17.43 11.35 4.38
C TYR A 69 -15.96 11.42 4.80
N THR A 70 -15.51 10.40 5.51
CA THR A 70 -14.16 10.36 6.07
C THR A 70 -13.41 9.15 5.54
N VAL A 71 -12.17 9.37 5.13
CA VAL A 71 -11.33 8.33 4.58
C VAL A 71 -9.88 8.56 5.01
N TRP A 72 -9.19 7.48 5.31
CA TRP A 72 -7.79 7.49 5.70
C TRP A 72 -7.01 6.52 4.79
N GLU A 73 -5.69 6.50 5.00
CA GLU A 73 -4.65 6.00 4.10
C GLU A 73 -4.43 7.01 2.99
N SER A 74 -3.25 7.59 2.94
CA SER A 74 -2.94 8.65 2.00
C SER A 74 -3.33 8.29 0.56
N ASN A 75 -3.03 7.06 0.10
CA ASN A 75 -3.28 6.78 -1.31
C ASN A 75 -4.73 6.44 -1.61
N ALA A 76 -5.49 6.04 -0.58
CA ALA A 76 -6.96 5.90 -0.71
C ALA A 76 -7.59 7.31 -0.80
N ILE A 77 -7.14 8.21 0.07
CA ILE A 77 -7.57 9.59 0.01
C ILE A 77 -7.28 10.16 -1.37
N ILE A 78 -6.06 9.96 -1.86
CA ILE A 78 -5.69 10.54 -3.15
C ILE A 78 -6.58 9.99 -4.27
N GLN A 79 -6.89 8.69 -4.24
CA GLN A 79 -7.77 8.11 -5.27
C GLN A 79 -9.16 8.73 -5.21
N TYR A 80 -9.71 8.88 -4.01
CA TYR A 80 -10.99 9.53 -3.81
C TYR A 80 -10.95 10.93 -4.42
N LEU A 81 -9.92 11.69 -4.11
CA LEU A 81 -9.84 13.06 -4.58
C LEU A 81 -9.80 13.15 -6.11
N VAL A 82 -8.94 12.37 -6.77
CA VAL A 82 -8.89 12.48 -8.21
C VAL A 82 -10.11 11.89 -8.89
N ASP A 83 -10.67 10.81 -8.35
CA ASP A 83 -11.79 10.19 -9.02
C ASP A 83 -13.02 11.10 -8.96
N LYS A 84 -13.21 11.78 -7.83
CA LYS A 84 -14.37 12.64 -7.67
C LYS A 84 -14.14 14.07 -8.15
N TYR A 85 -12.91 14.58 -8.02
CA TYR A 85 -12.64 16.01 -8.22
C TYR A 85 -11.55 16.31 -9.28
N ASP A 86 -11.17 15.32 -10.08
CA ASP A 86 -10.38 15.55 -11.28
C ASP A 86 -11.09 15.01 -12.52
N LYS A 87 -12.36 15.38 -12.69
N LYS A 87 -12.36 15.38 -12.69
CA LYS A 87 -13.12 14.87 -13.82
CA LYS A 87 -13.11 14.87 -13.82
C LYS A 87 -12.55 15.38 -15.16
C LYS A 87 -12.52 15.35 -15.16
N ASP A 88 -11.79 16.46 -15.13
CA ASP A 88 -11.09 16.93 -16.34
C ASP A 88 -9.80 16.18 -16.61
N ARG A 89 -9.42 15.27 -15.71
CA ARG A 89 -8.28 14.38 -15.90
C ARG A 89 -6.97 15.14 -16.12
N LYS A 90 -6.80 16.18 -15.32
CA LYS A 90 -5.56 16.93 -15.39
C LYS A 90 -4.36 16.19 -14.81
N VAL A 91 -4.57 15.39 -13.76
CA VAL A 91 -3.47 14.73 -13.07
C VAL A 91 -3.83 13.28 -12.73
N SER A 92 -4.71 12.69 -13.54
CA SER A 92 -5.15 11.32 -13.28
C SER A 92 -5.77 10.77 -14.54
N VAL A 93 -5.86 9.45 -14.61
CA VAL A 93 -6.56 8.78 -15.68
C VAL A 93 -7.97 8.34 -15.26
N ALA A 94 -8.77 7.99 -16.25
CA ALA A 94 -10.18 7.79 -16.02
C ALA A 94 -10.45 6.47 -15.32
N PRO A 95 -11.31 6.49 -14.30
CA PRO A 95 -11.80 5.21 -13.77
C PRO A 95 -12.36 4.33 -14.87
N GLY A 96 -12.23 3.03 -14.70
CA GLY A 96 -12.85 2.08 -15.61
C GLY A 96 -12.10 1.91 -16.91
N THR A 97 -10.80 2.26 -16.91
CA THR A 97 -9.91 2.01 -18.03
C THR A 97 -8.72 1.14 -17.57
N ASN A 98 -8.06 0.49 -18.53
CA ASN A 98 -6.86 -0.27 -18.19
C ASN A 98 -5.83 0.61 -17.49
N GLU A 99 -5.64 1.83 -18.00
CA GLU A 99 -4.65 2.73 -17.45
C GLU A 99 -4.89 3.04 -15.99
N TYR A 100 -6.16 3.05 -15.57
CA TYR A 100 -6.49 3.29 -14.18
C TYR A 100 -5.82 2.25 -13.28
N TYR A 101 -5.79 1.00 -13.69
CA TYR A 101 -5.22 -0.06 -12.87
C TYR A 101 -3.71 -0.06 -12.91
N THR A 102 -3.13 0.50 -13.98
CA THR A 102 -1.67 0.78 -14.01
C THR A 102 -1.32 1.94 -13.08
N GLN A 103 -2.12 2.99 -13.09
CA GLN A 103 -1.98 4.05 -12.11
C GLN A 103 -2.07 3.46 -10.69
N LEU A 104 -3.01 2.57 -10.47
CA LEU A 104 -3.21 1.97 -9.16
C LEU A 104 -2.03 1.10 -8.75
N GLN A 105 -1.48 0.34 -9.70
CA GLN A 105 -0.30 -0.44 -9.48
C GLN A 105 0.84 0.42 -8.94
N TRP A 106 1.08 1.55 -9.62
CA TRP A 106 2.17 2.43 -9.20
C TRP A 106 1.88 3.04 -7.82
N LEU A 107 0.63 3.40 -7.56
CA LEU A 107 0.24 3.91 -6.24
C LEU A 107 0.44 2.84 -5.15
N TYR A 108 0.17 1.57 -5.43
CA TYR A 108 0.46 0.52 -4.46
C TYR A 108 1.96 0.28 -4.31
N PHE A 109 2.73 0.36 -5.40
CA PHE A 109 4.16 0.23 -5.26
C PHE A 109 4.68 1.34 -4.36
N GLN A 110 4.19 2.56 -4.53
CA GLN A 110 4.58 3.63 -3.65
C GLN A 110 4.21 3.33 -2.18
N ALA A 111 2.95 3.00 -1.95
CA ALA A 111 2.46 2.88 -0.59
C ALA A 111 3.00 1.68 0.16
N SER A 112 3.28 0.60 -0.56
CA SER A 112 3.74 -0.65 0.04
C SER A 112 5.22 -0.96 -0.15
N GLY A 113 5.81 -0.39 -1.19
CA GLY A 113 7.20 -0.67 -1.55
C GLY A 113 8.15 0.46 -1.24
N GLN A 114 7.69 1.70 -1.40
CA GLN A 114 8.54 2.87 -1.07
C GLN A 114 8.34 3.25 0.39
N GLY A 115 7.14 3.71 0.76
CA GLY A 115 6.94 4.27 2.08
C GLY A 115 7.39 3.41 3.26
N PRO A 116 6.98 2.15 3.31
CA PRO A 116 7.26 1.40 4.53
C PRO A 116 8.73 1.12 4.67
N TYR A 117 9.41 0.83 3.57
CA TYR A 117 10.83 0.47 3.61
C TYR A 117 11.69 1.72 3.82
N TYR A 118 11.38 2.82 3.15
CA TYR A 118 12.07 4.08 3.43
C TYR A 118 11.86 4.44 4.90
N GLY A 119 10.66 4.21 5.40
CA GLY A 119 10.36 4.52 6.78
C GLY A 119 11.14 3.69 7.77
N GLN A 120 11.52 2.47 7.40
CA GLN A 120 12.34 1.66 8.30
C GLN A 120 13.79 2.13 8.29
N ALA A 121 14.28 2.65 7.14
CA ALA A 121 15.57 3.32 7.11
C ALA A 121 15.53 4.50 8.06
N ALA A 122 14.48 5.30 8.00
CA ALA A 122 14.37 6.43 8.89
C ALA A 122 14.35 5.93 10.33
N TRP A 123 13.57 4.91 10.62
CA TRP A 123 13.47 4.41 11.98
C TRP A 123 14.81 4.00 12.54
N PHE A 124 15.51 3.13 11.82
CA PHE A 124 16.76 2.63 12.36
C PHE A 124 17.86 3.68 12.38
N SER A 125 17.78 4.67 11.51
CA SER A 125 18.80 5.71 11.48
C SER A 125 18.60 6.77 12.54
N VAL A 126 17.34 7.00 12.96
CA VAL A 126 17.01 8.15 13.79
C VAL A 126 16.40 7.80 15.14
N TYR A 127 15.49 6.83 15.16
CA TYR A 127 14.61 6.62 16.30
C TYR A 127 14.88 5.37 17.12
N HIS A 128 15.41 4.32 16.50
CA HIS A 128 15.56 3.04 17.19
C HIS A 128 16.46 3.24 18.40
N PRO A 129 16.15 2.57 19.54
CA PRO A 129 16.92 2.91 20.74
C PRO A 129 18.35 2.41 20.77
N GLU A 130 18.75 1.56 19.84
CA GLU A 130 20.15 1.22 19.71
C GLU A 130 20.52 1.29 18.24
N LYS A 131 21.81 1.51 18.00
CA LYS A 131 22.31 1.54 16.64
C LYS A 131 22.57 0.14 16.12
N VAL A 132 21.92 -0.22 15.01
CA VAL A 132 22.02 -1.54 14.42
C VAL A 132 22.47 -1.38 12.96
N PRO A 133 23.79 -1.36 12.74
CA PRO A 133 24.26 -1.10 11.36
C PRO A 133 23.69 -2.07 10.32
N SER A 134 23.47 -3.32 10.66
CA SER A 134 22.97 -4.26 9.66
C SER A 134 21.53 -3.92 9.23
N ALA A 135 20.75 -3.36 10.15
CA ALA A 135 19.39 -2.93 9.83
C ALA A 135 19.41 -1.65 9.00
N ILE A 136 20.27 -0.71 9.39
CA ILE A 136 20.43 0.52 8.65
C ILE A 136 20.84 0.19 7.19
N GLU A 137 21.78 -0.72 7.03
CA GLU A 137 22.25 -1.09 5.71
C GLU A 137 21.16 -1.81 4.91
N ARG A 138 20.38 -2.66 5.57
CA ARG A 138 19.31 -3.37 4.91
C ARG A 138 18.36 -2.36 4.26
N TYR A 139 17.93 -1.37 5.01
CA TYR A 139 16.91 -0.47 4.46
C TYR A 139 17.52 0.56 3.50
N ARG A 140 18.75 0.97 3.68
CA ARG A 140 19.39 1.81 2.67
C ARG A 140 19.49 1.05 1.35
N ASN A 141 19.86 -0.22 1.41
CA ASN A 141 19.91 -1.03 0.21
C ASN A 141 18.53 -1.18 -0.43
N GLU A 142 17.47 -1.27 0.38
CA GLU A 142 16.15 -1.35 -0.19
C GLU A 142 15.73 -0.04 -0.81
N ILE A 143 16.10 1.10 -0.22
CA ILE A 143 15.84 2.38 -0.87
C ILE A 143 16.47 2.37 -2.28
N LYS A 144 17.73 1.95 -2.36
CA LYS A 144 18.41 1.94 -3.65
C LYS A 144 17.77 0.94 -4.61
N ARG A 145 17.24 -0.17 -4.09
CA ARG A 145 16.57 -1.12 -4.97
C ARG A 145 15.29 -0.49 -5.56
N VAL A 146 14.51 0.18 -4.72
CA VAL A 146 13.28 0.85 -5.17
C VAL A 146 13.64 1.94 -6.22
N LEU A 147 14.65 2.73 -5.93
CA LEU A 147 15.10 3.75 -6.86
C LEU A 147 15.53 3.13 -8.18
N GLY A 148 16.17 1.98 -8.13
CA GLY A 148 16.55 1.24 -9.33
C GLY A 148 15.35 0.80 -10.18
N VAL A 149 14.26 0.41 -9.52
CA VAL A 149 13.05 0.06 -10.23
C VAL A 149 12.51 1.30 -10.96
N LEU A 150 12.39 2.40 -10.24
CA LEU A 150 11.95 3.64 -10.84
C LEU A 150 12.85 4.02 -12.01
N GLU A 151 14.17 3.91 -11.82
CA GLU A 151 15.11 4.31 -12.84
C GLU A 151 14.93 3.46 -14.09
N SER A 152 14.66 2.18 -13.93
CA SER A 152 14.52 1.27 -15.07
C SER A 152 13.34 1.67 -15.96
N VAL A 153 12.32 2.30 -15.38
CA VAL A 153 11.15 2.75 -16.09
C VAL A 153 11.36 4.17 -16.61
N LEU A 154 11.80 5.07 -15.73
CA LEU A 154 11.87 6.50 -16.05
C LEU A 154 13.01 6.85 -17.00
N SER A 155 13.99 5.96 -17.14
CA SER A 155 15.02 6.12 -18.16
C SER A 155 14.48 5.81 -19.58
N LYS A 156 13.27 5.24 -19.66
CA LYS A 156 12.68 4.84 -20.94
C LYS A 156 11.36 5.52 -21.29
N GLN A 157 10.70 6.14 -20.31
CA GLN A 157 9.46 6.86 -20.55
C GLN A 157 9.43 8.03 -19.56
N GLU A 158 8.66 9.07 -19.91
CA GLU A 158 8.71 10.32 -19.19
C GLU A 158 8.09 10.25 -17.81
N PHE A 159 6.95 9.58 -17.73
CA PHE A 159 6.17 9.48 -16.51
C PHE A 159 5.76 8.02 -16.30
N LEU A 160 5.29 7.69 -15.10
CA LEU A 160 4.98 6.29 -14.80
C LEU A 160 3.79 5.72 -15.58
N VAL A 161 2.73 6.48 -15.73
CA VAL A 161 1.58 6.07 -16.50
C VAL A 161 1.81 6.86 -17.75
N ASP A 162 2.39 6.14 -18.71
CA ASP A 162 3.31 6.64 -19.74
C ASP A 162 3.30 8.13 -20.15
N GLY A 163 2.14 8.62 -20.59
CA GLY A 163 2.09 9.89 -21.30
C GLY A 163 2.11 11.19 -20.51
N LYS A 164 1.55 11.21 -19.32
CA LYS A 164 1.36 12.47 -18.61
C LYS A 164 1.64 12.29 -17.14
N ALA A 165 1.99 13.38 -16.48
CA ALA A 165 2.19 13.35 -15.05
C ALA A 165 0.85 13.07 -14.38
N THR A 166 0.87 12.16 -13.40
CA THR A 166 -0.31 11.88 -12.64
C THR A 166 0.02 11.80 -11.16
N VAL A 167 -1.01 11.60 -10.35
CA VAL A 167 -0.84 11.35 -8.92
C VAL A 167 0.02 10.13 -8.66
N ALA A 168 0.10 9.17 -9.58
CA ALA A 168 1.06 8.09 -9.40
C ALA A 168 2.50 8.61 -9.26
N ASP A 169 2.88 9.54 -10.13
CA ASP A 169 4.20 10.16 -10.02
C ASP A 169 4.30 10.96 -8.72
N PHE A 170 3.29 11.79 -8.44
CA PHE A 170 3.36 12.72 -7.32
C PHE A 170 3.53 11.96 -6.00
N SER A 171 2.94 10.76 -5.92
CA SER A 171 2.88 10.02 -4.67
C SER A 171 4.26 9.70 -4.12
N PHE A 172 5.26 9.56 -4.99
CA PHE A 172 6.64 9.19 -4.60
C PHE A 172 7.45 10.37 -4.06
N LEU A 173 6.98 11.61 -4.26
N LEU A 173 6.97 11.60 -4.23
CA LEU A 173 7.79 12.79 -3.98
CA LEU A 173 7.83 12.75 -4.02
C LEU A 173 8.25 12.92 -2.55
C LEU A 173 8.22 13.02 -2.56
N PRO A 174 7.31 12.89 -1.59
CA PRO A 174 7.76 13.21 -0.23
C PRO A 174 8.81 12.25 0.32
N TRP A 175 8.65 10.96 0.10
CA TRP A 175 9.64 10.02 0.56
C TRP A 175 10.94 10.10 -0.25
N ASN A 176 10.87 10.38 -1.54
CA ASN A 176 12.10 10.53 -2.31
C ASN A 176 12.85 11.79 -1.91
N GLU A 177 12.16 12.84 -1.46
CA GLU A 177 12.85 13.99 -0.92
C GLU A 177 13.61 13.60 0.36
N GLY A 178 13.02 12.73 1.18
CA GLY A 178 13.77 12.14 2.28
C GLY A 178 15.01 11.37 1.82
N ALA A 179 14.91 10.56 0.76
CA ALA A 179 16.10 9.87 0.22
C ALA A 179 17.15 10.87 -0.24
N ALA A 180 16.72 11.95 -0.88
CA ALA A 180 17.63 12.96 -1.40
C ALA A 180 18.36 13.67 -0.25
N LYS A 181 17.64 13.96 0.84
CA LYS A 181 18.15 14.88 1.85
C LYS A 181 18.75 14.21 3.06
N PHE A 182 18.35 12.99 3.41
CA PHE A 182 18.86 12.37 4.62
C PHE A 182 19.01 10.87 4.61
N LEU A 183 18.18 10.13 3.90
CA LEU A 183 18.15 8.69 4.09
C LEU A 183 19.27 8.00 3.33
N LEU A 184 19.76 8.62 2.25
CA LEU A 184 20.98 8.16 1.59
C LEU A 184 22.03 9.19 1.85
N GLU A 185 23.28 8.77 1.92
CA GLU A 185 24.35 9.70 2.19
C GLU A 185 24.58 10.59 0.98
N GLY A 186 25.00 11.83 1.24
CA GLY A 186 25.49 12.72 0.21
C GLY A 186 24.55 12.92 -0.95
N SER A 187 25.12 12.92 -2.16
CA SER A 187 24.34 13.13 -3.39
C SER A 187 24.05 11.81 -4.12
N GLN A 188 23.93 10.73 -3.37
CA GLN A 188 23.73 9.43 -4.00
C GLN A 188 22.43 9.34 -4.81
N PHE A 189 21.35 9.91 -4.29
CA PHE A 189 20.09 9.94 -5.05
C PHE A 189 20.31 10.55 -6.45
N GLU A 190 20.91 11.73 -6.48
CA GLU A 190 21.04 12.46 -7.72
C GLU A 190 22.01 11.80 -8.70
N GLU A 191 23.09 11.24 -8.18
N GLU A 191 23.11 11.26 -8.20
CA GLU A 191 24.20 10.78 -9.02
CA GLU A 191 24.14 10.79 -9.12
C GLU A 191 24.08 9.31 -9.42
C GLU A 191 23.99 9.32 -9.49
N GLU A 192 23.38 8.52 -8.62
CA GLU A 192 23.19 7.10 -8.90
C GLU A 192 21.90 6.83 -9.67
N PHE A 193 20.91 7.74 -9.60
CA PHE A 193 19.60 7.54 -10.21
C PHE A 193 19.22 8.79 -10.99
N PRO A 194 19.96 9.11 -12.05
CA PRO A 194 19.76 10.42 -12.68
C PRO A 194 18.39 10.62 -13.34
N ALA A 195 17.83 9.59 -13.95
CA ALA A 195 16.53 9.76 -14.58
C ALA A 195 15.46 10.02 -13.51
N THR A 196 15.54 9.27 -12.41
CA THR A 196 14.61 9.43 -11.32
C THR A 196 14.77 10.80 -10.68
N ALA A 197 16.00 11.22 -10.49
CA ALA A 197 16.27 12.52 -9.87
C ALA A 197 15.75 13.67 -10.73
N LYS A 198 15.88 13.55 -12.05
CA LYS A 198 15.38 14.59 -12.96
C LYS A 198 13.85 14.65 -12.93
N TRP A 199 13.20 13.49 -12.97
CA TRP A 199 11.75 13.41 -12.88
C TRP A 199 11.26 14.04 -11.59
N HIS A 200 11.93 13.69 -10.48
CA HIS A 200 11.62 14.22 -9.16
C HIS A 200 11.73 15.74 -9.13
N LYS A 201 12.83 16.27 -9.66
CA LYS A 201 13.08 17.70 -9.64
C LYS A 201 11.99 18.45 -10.41
N LYS A 202 11.66 17.94 -11.58
N LYS A 202 11.64 17.93 -11.58
CA LYS A 202 10.68 18.61 -12.42
CA LYS A 202 10.68 18.61 -12.43
C LYS A 202 9.30 18.61 -11.75
C LYS A 202 9.26 18.55 -11.86
N LEU A 203 8.95 17.51 -11.10
CA LEU A 203 7.66 17.47 -10.40
C LEU A 203 7.63 18.50 -9.27
N LEU A 204 8.71 18.60 -8.52
CA LEU A 204 8.75 19.55 -7.42
C LEU A 204 8.64 20.98 -7.89
N GLU A 205 9.01 21.23 -9.14
CA GLU A 205 8.94 22.56 -9.71
C GLU A 205 7.56 22.93 -10.26
N ARG A 206 6.64 21.96 -10.36
CA ARG A 206 5.27 22.31 -10.76
C ARG A 206 4.72 23.36 -9.80
N PRO A 207 3.94 24.32 -10.30
CA PRO A 207 3.50 25.39 -9.38
C PRO A 207 2.79 24.94 -8.10
N ALA A 208 1.87 23.99 -8.19
CA ALA A 208 1.12 23.61 -6.99
C ALA A 208 2.03 22.88 -6.02
N ILE A 209 2.92 22.04 -6.55
CA ILE A 209 3.82 21.27 -5.70
C ILE A 209 4.85 22.21 -5.06
N ALA A 210 5.38 23.16 -5.85
CA ALA A 210 6.32 24.12 -5.31
C ALA A 210 5.67 24.92 -4.18
N LYS A 211 4.39 25.27 -4.35
CA LYS A 211 3.64 26.01 -3.33
C LYS A 211 3.57 25.19 -2.04
N VAL A 212 3.17 23.93 -2.17
CA VAL A 212 3.10 23.04 -1.02
C VAL A 212 4.46 22.91 -0.34
N TRP A 213 5.52 22.75 -1.12
CA TRP A 213 6.84 22.56 -0.54
C TRP A 213 7.30 23.81 0.19
N GLU A 214 6.94 24.99 -0.34
CA GLU A 214 7.25 26.23 0.38
C GLU A 214 6.49 26.27 1.70
N GLU A 215 5.24 25.83 1.69
CA GLU A 215 4.44 25.82 2.91
C GLU A 215 4.99 24.84 3.94
N ARG A 216 5.45 23.67 3.47
CA ARG A 216 6.10 22.68 4.33
C ARG A 216 7.33 23.30 5.03
N ALA A 217 8.13 24.02 4.26
CA ALA A 217 9.27 24.71 4.84
C ALA A 217 8.83 25.76 5.86
N LYS A 218 7.76 26.48 5.56
CA LYS A 218 7.25 27.52 6.44
C LYS A 218 6.77 26.98 7.80
N VAL A 219 5.89 25.97 7.78
CA VAL A 219 5.31 25.45 9.01
C VAL A 219 6.35 24.73 9.86
N SER A 220 7.44 24.31 9.23
CA SER A 220 8.54 23.69 9.96
C SER A 220 9.19 24.71 10.90
N SER B 2 -1.40 -20.67 -24.06
CA SER B 2 -1.28 -22.09 -24.43
C SER B 2 -2.09 -22.92 -23.44
N HIS B 3 -2.16 -22.44 -22.21
CA HIS B 3 -2.79 -23.21 -21.15
C HIS B 3 -4.31 -23.10 -21.15
N GLY B 4 -4.88 -22.20 -21.96
CA GLY B 4 -6.32 -22.12 -22.11
C GLY B 4 -7.05 -21.39 -20.98
N LYS B 5 -6.34 -20.94 -19.95
CA LYS B 5 -6.96 -20.27 -18.81
C LYS B 5 -7.03 -18.77 -19.07
N GLN B 6 -7.97 -18.08 -18.43
CA GLN B 6 -8.10 -16.64 -18.68
C GLN B 6 -6.87 -15.84 -18.23
N PHE B 7 -6.28 -16.25 -17.11
CA PHE B 7 -5.16 -15.50 -16.54
C PHE B 7 -3.92 -16.36 -16.40
N THR B 8 -2.77 -15.70 -16.52
CA THR B 8 -1.51 -16.21 -16.01
C THR B 8 -1.23 -15.45 -14.72
N LEU B 9 -0.96 -16.19 -13.65
CA LEU B 9 -0.62 -15.64 -12.35
C LEU B 9 0.80 -16.06 -12.00
N TYR B 10 1.70 -15.09 -11.90
CA TYR B 10 3.06 -15.32 -11.39
C TYR B 10 3.00 -15.23 -9.87
N THR B 11 3.48 -16.28 -9.21
CA THR B 11 3.33 -16.46 -7.80
C THR B 11 4.51 -17.21 -7.19
N HIS B 12 4.36 -17.62 -5.93
CA HIS B 12 5.38 -18.30 -5.16
C HIS B 12 4.69 -19.27 -4.22
N LYS B 13 5.30 -20.41 -3.99
CA LYS B 13 4.61 -21.44 -3.26
C LYS B 13 4.35 -21.08 -1.80
N GLY B 14 5.27 -20.38 -1.17
CA GLY B 14 5.22 -20.16 0.27
C GLY B 14 4.84 -18.78 0.76
N GLY B 15 5.20 -17.76 0.00
CA GLY B 15 4.96 -16.42 0.48
C GLY B 15 3.48 -16.05 0.44
N PRO B 16 3.09 -15.05 1.22
CA PRO B 16 1.65 -14.78 1.37
C PRO B 16 1.00 -14.09 0.16
N ASN B 17 1.74 -13.30 -0.60
CA ASN B 17 1.07 -12.35 -1.49
C ASN B 17 0.48 -12.91 -2.77
N GLY B 18 1.04 -13.99 -3.28
CA GLY B 18 0.41 -14.67 -4.40
C GLY B 18 -0.89 -15.35 -4.00
N TRP B 19 -0.90 -15.99 -2.84
CA TRP B 19 -2.11 -16.63 -2.35
C TRP B 19 -3.22 -15.60 -2.16
N LYS B 20 -2.87 -14.38 -1.78
CA LYS B 20 -3.86 -13.33 -1.65
C LYS B 20 -4.67 -13.15 -2.93
N VAL B 21 -3.96 -13.09 -4.06
CA VAL B 21 -4.64 -12.97 -5.34
C VAL B 21 -5.39 -14.24 -5.74
N THR B 22 -4.81 -15.40 -5.46
CA THR B 22 -5.45 -16.66 -5.77
C THR B 22 -6.82 -16.77 -5.09
N ILE B 23 -6.91 -16.31 -3.84
CA ILE B 23 -8.19 -16.27 -3.13
C ILE B 23 -9.23 -15.55 -3.96
N VAL B 24 -8.87 -14.39 -4.50
CA VAL B 24 -9.84 -13.58 -5.24
C VAL B 24 -10.19 -14.21 -6.59
N LEU B 25 -9.21 -14.72 -7.32
CA LEU B 25 -9.46 -15.44 -8.56
C LEU B 25 -10.48 -16.57 -8.34
N GLU B 26 -10.28 -17.33 -7.27
CA GLU B 26 -11.13 -18.47 -6.99
C GLU B 26 -12.52 -18.03 -6.53
N GLU B 27 -12.59 -17.02 -5.68
CA GLU B 27 -13.88 -16.47 -5.26
C GLU B 27 -14.71 -16.01 -6.45
N LEU B 28 -14.04 -15.48 -7.47
CA LEU B 28 -14.73 -14.97 -8.65
C LEU B 28 -15.00 -16.04 -9.70
N GLY B 29 -14.56 -17.27 -9.45
CA GLY B 29 -14.79 -18.37 -10.38
C GLY B 29 -14.03 -18.21 -11.68
N LEU B 30 -12.87 -17.57 -11.62
CA LEU B 30 -12.06 -17.30 -12.80
C LEU B 30 -11.05 -18.41 -12.98
N THR B 31 -10.64 -18.64 -14.23
CA THR B 31 -9.65 -19.67 -14.51
C THR B 31 -8.26 -19.04 -14.64
N TYR B 32 -7.26 -19.75 -14.12
CA TYR B 32 -5.93 -19.20 -14.03
C TYR B 32 -4.89 -20.30 -14.00
N GLU B 33 -3.74 -20.00 -14.60
CA GLU B 33 -2.57 -20.86 -14.54
C GLU B 33 -1.57 -20.20 -13.59
N SER B 34 -1.23 -20.91 -12.52
CA SER B 34 -0.24 -20.41 -11.57
C SER B 34 1.16 -20.83 -11.98
N ILE B 35 2.04 -19.85 -12.12
CA ILE B 35 3.43 -20.09 -12.41
C ILE B 35 4.17 -19.76 -11.12
N PHE B 36 4.66 -20.81 -10.47
CA PHE B 36 5.35 -20.66 -9.18
C PHE B 36 6.82 -20.39 -9.46
N LEU B 37 7.26 -19.18 -9.16
CA LEU B 37 8.64 -18.82 -9.43
C LEU B 37 9.55 -19.39 -8.36
N ASP B 38 10.71 -19.85 -8.80
CA ASP B 38 11.72 -20.42 -7.92
C ASP B 38 12.66 -19.28 -7.54
N PHE B 39 12.53 -18.80 -6.31
CA PHE B 39 13.33 -17.67 -5.87
C PHE B 39 14.79 -18.09 -5.65
N GLN B 40 15.02 -19.37 -5.34
CA GLN B 40 16.39 -19.86 -5.13
C GLN B 40 17.19 -19.81 -6.43
N LYS B 41 16.48 -19.97 -7.55
CA LYS B 41 17.07 -19.87 -8.88
C LYS B 41 17.05 -18.43 -9.41
N GLY B 42 16.54 -17.50 -8.60
CA GLY B 42 16.53 -16.11 -9.00
C GLY B 42 15.50 -15.78 -10.08
N GLU B 43 14.49 -16.63 -10.22
CA GLU B 43 13.53 -16.44 -11.32
C GLU B 43 12.77 -15.11 -11.24
N HIS B 44 12.56 -14.60 -10.05
CA HIS B 44 11.85 -13.33 -9.87
C HIS B 44 12.70 -12.12 -10.25
N LYS B 45 13.99 -12.33 -10.41
CA LYS B 45 14.92 -11.26 -10.80
C LYS B 45 15.44 -11.43 -12.21
N ALA B 46 15.02 -12.48 -12.89
CA ALA B 46 15.50 -12.79 -14.23
C ALA B 46 14.90 -11.82 -15.23
N PRO B 47 15.62 -11.56 -16.33
CA PRO B 47 15.17 -10.53 -17.25
C PRO B 47 13.78 -10.79 -17.82
N GLU B 48 13.42 -12.05 -18.05
CA GLU B 48 12.10 -12.30 -18.61
C GLU B 48 10.98 -11.95 -17.63
N TYR B 49 11.17 -12.15 -16.34
CA TYR B 49 10.15 -11.77 -15.39
C TYR B 49 10.16 -10.25 -15.16
N LEU B 50 11.33 -9.60 -15.24
CA LEU B 50 11.38 -8.16 -15.06
C LEU B 50 10.58 -7.42 -16.14
N LYS B 51 10.44 -8.05 -17.32
CA LYS B 51 9.56 -7.49 -18.35
C LYS B 51 8.07 -7.52 -17.96
N VAL B 52 7.71 -8.41 -17.04
CA VAL B 52 6.35 -8.51 -16.51
C VAL B 52 6.16 -7.59 -15.31
N ASN B 53 7.07 -7.64 -14.35
CA ASN B 53 7.06 -6.74 -13.21
C ASN B 53 8.48 -6.24 -12.98
N PRO B 54 8.75 -4.95 -13.28
CA PRO B 54 10.12 -4.44 -13.10
C PRO B 54 10.58 -4.44 -11.62
N ASN B 55 9.64 -4.53 -10.68
CA ASN B 55 9.99 -4.63 -9.28
C ASN B 55 10.59 -6.01 -8.94
N GLY B 56 10.38 -7.02 -9.78
CA GLY B 56 10.96 -8.31 -9.49
C GLY B 56 10.42 -8.95 -8.22
N ARG B 57 9.12 -8.81 -8.02
CA ARG B 57 8.40 -9.46 -6.92
C ARG B 57 7.14 -10.06 -7.49
N ILE B 58 6.61 -11.06 -6.80
CA ILE B 58 5.30 -11.62 -7.16
C ILE B 58 4.26 -11.07 -6.18
N PRO B 59 2.98 -11.06 -6.59
CA PRO B 59 2.40 -11.57 -7.83
C PRO B 59 2.37 -10.55 -8.98
N ALA B 60 2.11 -11.12 -10.15
CA ALA B 60 1.78 -10.34 -11.35
C ALA B 60 0.74 -11.14 -12.10
N LEU B 61 -0.15 -10.44 -12.80
CA LEU B 61 -1.26 -11.05 -13.50
C LEU B 61 -1.31 -10.60 -14.93
N ILE B 62 -1.56 -11.54 -15.85
CA ILE B 62 -1.79 -11.25 -17.27
C ILE B 62 -3.21 -11.73 -17.59
N ASP B 63 -4.05 -10.84 -18.13
CA ASP B 63 -5.43 -11.15 -18.48
C ASP B 63 -5.52 -11.42 -19.99
N HIS B 64 -5.58 -12.70 -20.34
CA HIS B 64 -5.60 -13.10 -21.74
C HIS B 64 -6.92 -12.80 -22.44
N LYS B 65 -7.96 -12.40 -21.70
CA LYS B 65 -9.20 -11.92 -22.31
C LYS B 65 -9.27 -10.38 -22.35
N ASN B 66 -8.17 -9.71 -22.00
CA ASN B 66 -8.08 -8.27 -22.17
C ASN B 66 -6.76 -7.92 -22.85
N ASN B 67 -6.50 -8.62 -23.95
CA ASN B 67 -5.34 -8.36 -24.79
C ASN B 67 -4.03 -8.39 -23.98
N ASP B 68 -3.95 -9.36 -23.06
CA ASP B 68 -2.74 -9.59 -22.27
C ASP B 68 -2.38 -8.37 -21.43
N TYR B 69 -3.40 -7.61 -21.01
CA TYR B 69 -3.20 -6.56 -20.01
C TYR B 69 -2.50 -7.16 -18.81
N THR B 70 -1.44 -6.50 -18.36
CA THR B 70 -0.59 -7.00 -17.29
C THR B 70 -0.57 -5.99 -16.14
N VAL B 71 -0.75 -6.49 -14.90
CA VAL B 71 -0.76 -5.64 -13.75
C VAL B 71 -0.11 -6.38 -12.59
N TRP B 72 0.66 -5.64 -11.80
CA TRP B 72 1.30 -6.18 -10.61
C TRP B 72 0.94 -5.29 -9.40
N GLU B 73 1.45 -5.69 -8.22
CA GLU B 73 0.96 -5.33 -6.89
C GLU B 73 -0.34 -6.08 -6.60
N SER B 74 -0.27 -6.98 -5.62
CA SER B 74 -1.42 -7.82 -5.29
C SER B 74 -2.72 -7.04 -5.15
N ASN B 75 -2.72 -5.90 -4.48
CA ASN B 75 -4.00 -5.25 -4.22
C ASN B 75 -4.49 -4.41 -5.40
N ALA B 76 -3.60 -4.08 -6.33
CA ALA B 76 -4.00 -3.48 -7.61
C ALA B 76 -4.61 -4.55 -8.51
N ILE B 77 -3.99 -5.72 -8.54
CA ILE B 77 -4.53 -6.86 -9.24
C ILE B 77 -5.94 -7.17 -8.72
N ILE B 78 -6.08 -7.26 -7.40
CA ILE B 78 -7.36 -7.58 -6.80
C ILE B 78 -8.42 -6.55 -7.19
N GLN B 79 -8.08 -5.27 -7.18
CA GLN B 79 -9.04 -4.25 -7.57
C GLN B 79 -9.49 -4.41 -9.01
N TYR B 80 -8.54 -4.65 -9.90
CA TYR B 80 -8.83 -4.92 -11.30
C TYR B 80 -9.81 -6.08 -11.42
N LEU B 81 -9.53 -7.18 -10.72
CA LEU B 81 -10.35 -8.36 -10.83
C LEU B 81 -11.78 -8.10 -10.37
N VAL B 82 -11.97 -7.49 -9.20
CA VAL B 82 -13.34 -7.30 -8.76
C VAL B 82 -14.08 -6.21 -9.56
N ASP B 83 -13.37 -5.17 -9.97
CA ASP B 83 -14.05 -4.10 -10.68
C ASP B 83 -14.52 -4.59 -12.05
N LYS B 84 -13.73 -5.45 -12.69
CA LYS B 84 -14.06 -5.92 -14.03
C LYS B 84 -14.90 -7.19 -14.01
N TYR B 85 -14.65 -8.08 -13.03
CA TYR B 85 -15.22 -9.42 -13.06
C TYR B 85 -16.08 -9.79 -11.83
N ASP B 86 -16.39 -8.82 -10.98
CA ASP B 86 -17.38 -9.01 -9.91
C ASP B 86 -18.51 -8.01 -10.05
N LYS B 87 -19.08 -7.92 -11.24
CA LYS B 87 -20.24 -7.07 -11.46
C LYS B 87 -21.47 -7.52 -10.67
N ASP B 88 -21.50 -8.79 -10.27
CA ASP B 88 -22.54 -9.28 -9.37
C ASP B 88 -22.32 -8.81 -7.93
N ARG B 89 -21.19 -8.17 -7.66
CA ARG B 89 -20.88 -7.65 -6.34
C ARG B 89 -20.95 -8.72 -5.25
N LYS B 90 -20.44 -9.92 -5.57
N LYS B 90 -20.43 -9.92 -5.58
CA LYS B 90 -20.39 -10.98 -4.60
CA LYS B 90 -20.38 -11.02 -4.63
C LYS B 90 -19.48 -10.64 -3.43
C LYS B 90 -19.45 -10.70 -3.45
N VAL B 91 -18.31 -10.08 -3.75
CA VAL B 91 -17.24 -9.91 -2.75
C VAL B 91 -16.59 -8.54 -2.86
N SER B 92 -17.36 -7.54 -3.32
CA SER B 92 -16.82 -6.20 -3.50
C SER B 92 -17.97 -5.24 -3.57
N VAL B 93 -17.67 -3.98 -3.30
CA VAL B 93 -18.63 -2.90 -3.47
C VAL B 93 -18.40 -2.19 -4.79
N ALA B 94 -19.38 -1.39 -5.21
CA ALA B 94 -19.35 -0.80 -6.54
C ALA B 94 -18.37 0.36 -6.66
N PRO B 95 -17.59 0.40 -7.73
CA PRO B 95 -16.87 1.63 -8.06
C PRO B 95 -17.82 2.82 -8.08
N GLY B 96 -17.30 3.96 -7.66
CA GLY B 96 -18.05 5.20 -7.75
C GLY B 96 -18.96 5.44 -6.56
N THR B 97 -18.78 4.68 -5.48
CA THR B 97 -19.54 4.89 -4.25
C THR B 97 -18.59 5.27 -3.12
N ASN B 98 -19.13 5.88 -2.07
CA ASN B 98 -18.32 6.15 -0.88
C ASN B 98 -17.71 4.87 -0.34
N GLU B 99 -18.50 3.80 -0.31
CA GLU B 99 -18.01 2.55 0.28
C GLU B 99 -16.83 1.99 -0.49
N TYR B 100 -16.73 2.27 -1.79
CA TYR B 100 -15.58 1.84 -2.57
C TYR B 100 -14.29 2.39 -1.99
N TYR B 101 -14.31 3.65 -1.56
CA TYR B 101 -13.12 4.29 -1.03
C TYR B 101 -12.82 3.81 0.40
N THR B 102 -13.84 3.37 1.13
CA THR B 102 -13.63 2.70 2.42
C THR B 102 -13.02 1.30 2.20
N GLN B 103 -13.53 0.57 1.23
CA GLN B 103 -12.89 -0.68 0.82
C GLN B 103 -11.44 -0.43 0.45
N LEU B 104 -11.17 0.64 -0.29
CA LEU B 104 -9.82 0.97 -0.72
C LEU B 104 -8.92 1.33 0.44
N GLN B 105 -9.46 2.09 1.38
CA GLN B 105 -8.76 2.42 2.62
C GLN B 105 -8.26 1.15 3.31
N TRP B 106 -9.15 0.17 3.48
CA TRP B 106 -8.78 -1.04 4.15
C TRP B 106 -7.73 -1.83 3.34
N LEU B 107 -7.88 -1.84 2.03
CA LEU B 107 -6.90 -2.50 1.17
C LEU B 107 -5.53 -1.82 1.27
N TYR B 108 -5.49 -0.50 1.38
CA TYR B 108 -4.21 0.18 1.59
C TYR B 108 -3.66 -0.05 2.99
N PHE B 109 -4.52 -0.12 4.00
CA PHE B 109 -4.04 -0.47 5.34
C PHE B 109 -3.41 -1.86 5.30
N GLN B 110 -4.04 -2.80 4.61
CA GLN B 110 -3.48 -4.13 4.48
C GLN B 110 -2.12 -4.06 3.79
N ALA B 111 -2.07 -3.43 2.62
CA ALA B 111 -0.87 -3.50 1.79
C ALA B 111 0.31 -2.69 2.33
N SER B 112 0.03 -1.62 3.07
CA SER B 112 1.05 -0.73 3.59
C SER B 112 1.29 -0.86 5.09
N GLY B 113 0.27 -1.33 5.81
CA GLY B 113 0.33 -1.42 7.26
C GLY B 113 0.47 -2.83 7.81
N GLN B 114 -0.17 -3.78 7.15
CA GLN B 114 -0.02 -5.19 7.55
C GLN B 114 1.20 -5.83 6.88
N GLY B 115 1.14 -5.98 5.57
CA GLY B 115 2.16 -6.76 4.87
C GLY B 115 3.59 -6.34 5.15
N PRO B 116 3.92 -5.06 5.01
CA PRO B 116 5.33 -4.69 5.12
C PRO B 116 5.87 -4.92 6.52
N TYR B 117 5.04 -4.61 7.52
CA TYR B 117 5.48 -4.69 8.90
C TYR B 117 5.53 -6.15 9.39
N TYR B 118 4.52 -6.95 9.04
CA TYR B 118 4.59 -8.38 9.31
C TYR B 118 5.80 -8.97 8.61
N GLY B 119 6.09 -8.51 7.41
CA GLY B 119 7.22 -9.00 6.66
C GLY B 119 8.55 -8.68 7.30
N GLN B 120 8.64 -7.59 8.04
CA GLN B 120 9.87 -7.28 8.73
C GLN B 120 10.00 -8.12 10.01
N ALA B 121 8.89 -8.47 10.64
CA ALA B 121 8.94 -9.46 11.72
C ALA B 121 9.49 -10.79 11.16
N ALA B 122 8.96 -11.22 10.01
CA ALA B 122 9.45 -12.45 9.38
C ALA B 122 10.94 -12.30 9.08
N TRP B 123 11.34 -11.15 8.51
CA TRP B 123 12.73 -10.95 8.13
C TRP B 123 13.66 -11.11 9.35
N PHE B 124 13.38 -10.36 10.40
CA PHE B 124 14.30 -10.33 11.52
C PHE B 124 14.25 -11.63 12.31
N SER B 125 13.11 -12.31 12.31
CA SER B 125 13.00 -13.57 13.07
C SER B 125 13.58 -14.75 12.33
N VAL B 126 13.60 -14.71 11.01
CA VAL B 126 13.91 -15.90 10.23
C VAL B 126 15.12 -15.74 9.30
N TYR B 127 15.28 -14.58 8.68
CA TYR B 127 16.26 -14.41 7.60
C TYR B 127 17.47 -13.51 7.88
N HIS B 128 17.34 -12.49 8.71
CA HIS B 128 18.45 -11.57 8.93
C HIS B 128 19.61 -12.38 9.52
N PRO B 129 20.83 -12.16 9.04
CA PRO B 129 21.96 -12.98 9.54
C PRO B 129 22.15 -12.86 11.05
N GLU B 130 22.16 -11.63 11.52
CA GLU B 130 22.29 -11.30 12.93
C GLU B 130 20.93 -11.39 13.62
N LYS B 131 20.90 -11.99 14.80
CA LYS B 131 19.69 -11.95 15.62
C LYS B 131 19.68 -10.62 16.36
N VAL B 132 18.62 -9.84 16.16
CA VAL B 132 18.56 -8.51 16.77
C VAL B 132 17.28 -8.45 17.61
N PRO B 133 17.36 -8.77 18.91
CA PRO B 133 16.13 -8.83 19.73
C PRO B 133 15.29 -7.55 19.66
N SER B 134 15.93 -6.39 19.63
CA SER B 134 15.16 -5.14 19.62
C SER B 134 14.38 -4.96 18.33
N ALA B 135 14.89 -5.50 17.21
CA ALA B 135 14.15 -5.45 15.94
C ALA B 135 13.02 -6.48 15.94
N ILE B 136 13.30 -7.68 16.43
CA ILE B 136 12.28 -8.71 16.53
C ILE B 136 11.12 -8.19 17.39
N GLU B 137 11.43 -7.55 18.52
CA GLU B 137 10.41 -7.02 19.42
C GLU B 137 9.64 -5.90 18.75
N ARG B 138 10.34 -5.01 18.04
CA ARG B 138 9.68 -3.90 17.38
C ARG B 138 8.58 -4.42 16.45
N TYR B 139 8.91 -5.40 15.60
CA TYR B 139 7.93 -5.87 14.61
C TYR B 139 6.87 -6.79 15.18
N ARG B 140 7.19 -7.54 16.22
CA ARG B 140 6.15 -8.30 16.91
C ARG B 140 5.15 -7.34 17.55
N ASN B 141 5.65 -6.27 18.15
CA ASN B 141 4.73 -5.29 18.73
C ASN B 141 3.89 -4.61 17.66
N GLU B 142 4.46 -4.38 16.49
CA GLU B 142 3.70 -3.77 15.41
C GLU B 142 2.63 -4.74 14.87
N ILE B 143 2.94 -6.03 14.78
CA ILE B 143 1.89 -7.01 14.44
C ILE B 143 0.74 -6.86 15.42
N LYS B 144 1.04 -6.83 16.70
CA LYS B 144 -0.01 -6.73 17.69
C LYS B 144 -0.78 -5.40 17.60
N ARG B 145 -0.09 -4.33 17.25
CA ARG B 145 -0.75 -3.03 17.09
C ARG B 145 -1.75 -3.11 15.93
N VAL B 146 -1.33 -3.67 14.81
CA VAL B 146 -2.21 -3.83 13.64
C VAL B 146 -3.41 -4.72 14.00
N LEU B 147 -3.17 -5.83 14.68
CA LEU B 147 -4.25 -6.71 15.12
C LEU B 147 -5.21 -5.95 16.03
N GLY B 148 -4.68 -5.06 16.87
CA GLY B 148 -5.54 -4.25 17.72
C GLY B 148 -6.44 -3.29 16.95
N VAL B 149 -5.95 -2.75 15.84
CA VAL B 149 -6.77 -1.92 14.99
C VAL B 149 -7.92 -2.74 14.43
N LEU B 150 -7.60 -3.89 13.86
CA LEU B 150 -8.61 -4.78 13.33
C LEU B 150 -9.60 -5.16 14.43
N GLU B 151 -9.12 -5.53 15.61
CA GLU B 151 -9.99 -5.92 16.71
C GLU B 151 -10.97 -4.80 17.07
N SER B 152 -10.50 -3.56 17.04
CA SER B 152 -11.31 -2.42 17.46
C SER B 152 -12.50 -2.24 16.54
N VAL B 153 -12.37 -2.66 15.29
CA VAL B 153 -13.47 -2.59 14.32
C VAL B 153 -14.31 -3.87 14.34
N LEU B 154 -13.68 -5.03 14.30
CA LEU B 154 -14.37 -6.30 14.17
C LEU B 154 -15.09 -6.72 15.43
N SER B 155 -14.77 -6.12 16.56
CA SER B 155 -15.53 -6.32 17.78
C SER B 155 -16.85 -5.53 17.79
N LYS B 156 -17.04 -4.63 16.82
N LYS B 156 -17.04 -4.62 16.82
CA LYS B 156 -18.25 -3.82 16.74
CA LYS B 156 -18.23 -3.78 16.74
C LYS B 156 -19.11 -4.18 15.54
C LYS B 156 -19.04 -3.95 15.45
N GLN B 157 -18.49 -4.64 14.46
CA GLN B 157 -19.21 -4.92 13.23
C GLN B 157 -18.63 -6.21 12.62
N GLU B 158 -19.39 -6.84 11.72
CA GLU B 158 -19.07 -8.18 11.27
C GLU B 158 -17.86 -8.27 10.34
N PHE B 159 -17.80 -7.35 9.39
CA PHE B 159 -16.75 -7.27 8.37
C PHE B 159 -16.21 -5.84 8.31
N LEU B 160 -15.14 -5.62 7.56
CA LEU B 160 -14.53 -4.30 7.51
C LEU B 160 -15.39 -3.26 6.82
N VAL B 161 -16.01 -3.62 5.70
CA VAL B 161 -16.85 -2.67 4.96
C VAL B 161 -18.22 -3.18 5.39
N ASP B 162 -18.73 -2.60 6.49
CA ASP B 162 -19.34 -3.39 7.63
C ASP B 162 -20.26 -4.68 7.56
N GLY B 163 -21.25 -4.70 6.67
CA GLY B 163 -22.14 -5.85 6.62
C GLY B 163 -21.88 -6.91 5.56
N LYS B 164 -20.84 -6.74 4.75
CA LYS B 164 -20.59 -7.62 3.63
C LYS B 164 -19.14 -8.09 3.61
N ALA B 165 -18.89 -9.40 3.51
CA ALA B 165 -17.49 -9.85 3.27
C ALA B 165 -17.01 -9.37 1.91
N THR B 166 -15.83 -8.77 1.89
CA THR B 166 -15.28 -8.29 0.65
C THR B 166 -13.81 -8.63 0.55
N VAL B 167 -13.25 -8.30 -0.61
CA VAL B 167 -11.82 -8.41 -0.80
C VAL B 167 -11.01 -7.60 0.21
N ALA B 168 -11.59 -6.56 0.82
CA ALA B 168 -10.88 -5.90 1.90
C ALA B 168 -10.59 -6.85 3.05
N ASP B 169 -11.59 -7.64 3.45
CA ASP B 169 -11.35 -8.66 4.48
C ASP B 169 -10.36 -9.71 3.98
N PHE B 170 -10.58 -10.23 2.77
CA PHE B 170 -9.76 -11.33 2.28
C PHE B 170 -8.29 -10.99 2.21
N SER B 171 -7.99 -9.71 1.95
CA SER B 171 -6.63 -9.27 1.69
C SER B 171 -5.73 -9.52 2.90
N PHE B 172 -6.30 -9.53 4.12
CA PHE B 172 -5.54 -9.72 5.36
C PHE B 172 -5.20 -11.16 5.66
N LEU B 173 -5.83 -12.10 4.95
CA LEU B 173 -5.77 -13.50 5.36
C LEU B 173 -4.37 -14.11 5.34
N PRO B 174 -3.62 -14.01 4.23
CA PRO B 174 -2.36 -14.76 4.23
C PRO B 174 -1.37 -14.28 5.29
N TRP B 175 -1.24 -13.00 5.50
CA TRP B 175 -0.31 -12.52 6.53
C TRP B 175 -0.82 -12.80 7.93
N ASN B 176 -2.15 -12.73 8.13
CA ASN B 176 -2.68 -13.09 9.46
C ASN B 176 -2.51 -14.58 9.74
N GLU B 177 -2.51 -15.41 8.70
CA GLU B 177 -2.20 -16.82 8.92
C GLU B 177 -0.76 -16.99 9.39
N GLY B 178 0.15 -16.17 8.85
CA GLY B 178 1.51 -16.13 9.37
C GLY B 178 1.56 -15.76 10.85
N ALA B 179 0.80 -14.74 11.25
CA ALA B 179 0.70 -14.35 12.66
C ALA B 179 0.16 -15.49 13.50
N ALA B 180 -0.87 -16.15 13.01
CA ALA B 180 -1.50 -17.24 13.75
C ALA B 180 -0.58 -18.43 13.92
N LYS B 181 0.24 -18.75 12.92
CA LYS B 181 0.96 -20.02 12.90
C LYS B 181 2.43 -19.96 13.32
N PHE B 182 3.07 -18.78 13.28
CA PHE B 182 4.44 -18.69 13.80
C PHE B 182 4.90 -17.29 14.14
N LEU B 183 4.45 -16.25 13.45
CA LEU B 183 5.00 -14.92 13.71
C LEU B 183 4.71 -14.42 15.11
N LEU B 184 3.55 -14.78 15.65
CA LEU B 184 3.29 -14.67 17.07
C LEU B 184 3.34 -16.08 17.64
N GLU B 185 4.15 -16.26 18.67
CA GLU B 185 4.30 -17.57 19.28
C GLU B 185 3.04 -18.01 20.01
N GLY B 186 2.91 -19.33 20.15
CA GLY B 186 1.83 -19.89 20.93
C GLY B 186 0.48 -19.57 20.34
N SER B 187 -0.46 -19.25 21.23
CA SER B 187 -1.82 -18.91 20.83
C SER B 187 -2.14 -17.43 21.05
N GLN B 188 -1.12 -16.60 20.91
CA GLN B 188 -1.28 -15.18 21.11
C GLN B 188 -2.31 -14.57 20.16
N PHE B 189 -2.27 -14.93 18.88
CA PHE B 189 -3.21 -14.39 17.92
C PHE B 189 -4.65 -14.66 18.39
N GLU B 190 -4.95 -15.92 18.66
CA GLU B 190 -6.32 -16.29 18.99
C GLU B 190 -6.76 -15.78 20.38
N GLU B 191 -5.86 -15.81 21.34
CA GLU B 191 -6.21 -15.42 22.70
C GLU B 191 -6.35 -13.91 22.87
N GLU B 192 -5.47 -13.18 22.23
CA GLU B 192 -5.39 -11.74 22.46
C GLU B 192 -6.28 -10.91 21.53
N PHE B 193 -6.70 -11.50 20.41
CA PHE B 193 -7.50 -10.80 19.40
C PHE B 193 -8.65 -11.69 18.98
N PRO B 194 -9.57 -11.98 19.92
CA PRO B 194 -10.58 -13.01 19.63
C PRO B 194 -11.52 -12.65 18.49
N ALA B 195 -11.94 -11.39 18.36
CA ALA B 195 -12.85 -11.06 17.26
C ALA B 195 -12.13 -11.19 15.92
N THR B 196 -10.89 -10.75 15.86
CA THR B 196 -10.09 -10.85 14.64
C THR B 196 -9.87 -12.32 14.30
N ALA B 197 -9.54 -13.13 15.30
CA ALA B 197 -9.28 -14.56 15.08
C ALA B 197 -10.53 -15.29 14.56
N LYS B 198 -11.70 -14.93 15.11
CA LYS B 198 -12.93 -15.55 14.67
C LYS B 198 -13.27 -15.16 13.22
N TRP B 199 -13.10 -13.89 12.90
CA TRP B 199 -13.31 -13.38 11.54
C TRP B 199 -12.37 -14.10 10.57
N HIS B 200 -11.10 -14.25 10.96
CA HIS B 200 -10.09 -14.93 10.13
C HIS B 200 -10.53 -16.38 9.89
N LYS B 201 -10.86 -17.09 10.97
CA LYS B 201 -11.26 -18.49 10.88
C LYS B 201 -12.43 -18.67 9.94
N LYS B 202 -13.44 -17.82 10.07
CA LYS B 202 -14.65 -17.98 9.26
C LYS B 202 -14.39 -17.67 7.80
N LEU B 203 -13.52 -16.72 7.51
CA LEU B 203 -13.18 -16.44 6.11
C LEU B 203 -12.49 -17.62 5.48
N LEU B 204 -11.59 -18.28 6.21
CA LEU B 204 -10.86 -19.43 5.67
C LEU B 204 -11.81 -20.62 5.43
N GLU B 205 -12.99 -20.60 6.07
CA GLU B 205 -14.01 -21.64 5.88
C GLU B 205 -14.87 -21.41 4.64
N ARG B 206 -14.78 -20.24 4.00
CA ARG B 206 -15.57 -20.01 2.78
C ARG B 206 -15.10 -21.05 1.75
N PRO B 207 -16.01 -21.62 0.96
CA PRO B 207 -15.61 -22.73 0.08
C PRO B 207 -14.46 -22.40 -0.86
N ALA B 208 -14.47 -21.23 -1.48
CA ALA B 208 -13.40 -20.92 -2.41
C ALA B 208 -12.06 -20.78 -1.69
N ILE B 209 -12.09 -20.13 -0.53
CA ILE B 209 -10.87 -19.89 0.22
C ILE B 209 -10.32 -21.21 0.80
N ALA B 210 -11.20 -22.05 1.29
CA ALA B 210 -10.78 -23.34 1.77
C ALA B 210 -10.08 -24.14 0.65
N LYS B 211 -10.61 -24.07 -0.58
CA LYS B 211 -9.99 -24.76 -1.71
C LYS B 211 -8.59 -24.22 -1.98
N VAL B 212 -8.46 -22.90 -1.97
CA VAL B 212 -7.13 -22.29 -2.13
C VAL B 212 -6.17 -22.75 -1.02
N TRP B 213 -6.67 -22.83 0.20
CA TRP B 213 -5.82 -23.23 1.32
C TRP B 213 -5.34 -24.69 1.13
N GLU B 214 -6.17 -25.54 0.53
CA GLU B 214 -5.71 -26.88 0.22
C GLU B 214 -4.57 -26.84 -0.78
N GLU B 215 -4.67 -26.00 -1.81
CA GLU B 215 -3.59 -25.88 -2.80
C GLU B 215 -2.31 -25.42 -2.10
N ARG B 216 -2.45 -24.45 -1.21
CA ARG B 216 -1.30 -23.91 -0.50
C ARG B 216 -0.65 -25.01 0.35
N ALA B 217 -1.44 -25.85 1.00
CA ALA B 217 -0.90 -26.94 1.78
C ALA B 217 -0.21 -27.98 0.90
N LYS B 218 -0.82 -28.28 -0.24
CA LYS B 218 -0.26 -29.23 -1.20
C LYS B 218 1.13 -28.83 -1.62
N VAL B 219 1.30 -27.57 -1.99
CA VAL B 219 2.58 -27.16 -2.56
C VAL B 219 3.61 -26.89 -1.46
N SER B 220 3.19 -26.84 -0.19
CA SER B 220 4.14 -26.67 0.90
C SER B 220 5.00 -27.91 1.10
N1 GSH C . 5.07 4.50 15.33
CA1 GSH C . 5.89 4.68 14.16
C1 GSH C . 6.89 3.53 14.03
O11 GSH C . 7.10 2.81 15.02
O12 GSH C . 7.48 3.34 12.94
CB1 GSH C . 6.63 6.00 14.22
CG1 GSH C . 7.41 6.42 12.98
CD1 GSH C . 6.52 6.64 11.79
OE1 GSH C . 5.31 6.85 11.89
N2 GSH C . 7.14 6.67 10.55
CA2 GSH C . 6.43 6.90 9.34
C2 GSH C . 6.65 5.72 8.43
O2 GSH C . 7.68 5.05 8.43
CB2 GSH C . 6.90 8.15 8.64
SG2 GSH C . 6.47 9.64 9.49
N3 GSH C . 5.59 5.42 7.57
CA3 GSH C . 5.61 4.33 6.65
C3 GSH C . 5.01 4.66 5.33
O31 GSH C . 4.53 3.69 4.69
O32 GSH C . 4.99 5.85 4.89
HN11 GSH C . 5.54 4.72 16.08
HN12 GSH C . 4.81 3.62 15.38
HA1 GSH C . 5.32 4.68 13.36
HB12 GSH C . 5.97 6.70 14.41
HB13 GSH C . 7.26 5.97 14.96
HG12 GSH C . 7.89 7.24 13.17
HG13 GSH C . 8.06 5.71 12.76
HN2 GSH C . 8.04 6.53 10.50
HA2 GSH C . 5.47 6.98 9.54
HB22 GSH C . 7.87 8.11 8.55
HB23 GSH C . 6.51 8.18 7.74
HSG GSH C . 6.01 9.38 10.53
HN3 GSH C . 4.85 5.93 7.62
HA31 GSH C . 6.54 4.04 6.51
HA32 GSH C . 5.12 3.58 7.05
N1 GSH D . 0.39 3.96 4.84
CA1 GSH D . -0.01 5.10 5.66
C1 GSH D . -0.51 6.20 4.71
O11 GSH D . 0.07 6.26 3.60
O12 GSH D . -1.42 6.98 5.12
CB1 GSH D . 1.20 5.56 6.48
CG1 GSH D . 0.87 6.69 7.38
CD1 GSH D . 2.03 7.11 8.26
OE1 GSH D . 3.09 6.51 8.29
N2 GSH D . 1.81 8.25 9.01
CA2 GSH D . 2.75 8.75 9.95
C2 GSH D . 2.14 8.73 11.35
O2 GSH D . 1.00 9.09 11.56
CB2 GSH D . 3.18 10.18 9.62
SG2 GSH D . 4.13 10.33 8.11
N3 GSH D . 2.99 8.31 12.34
CA3 GSH D . 2.60 8.28 13.71
C3 GSH D . 2.81 6.94 14.33
O31 GSH D . 2.59 5.91 13.65
O32 GSH D . 3.21 6.87 15.52
HN11 GSH D . 0.64 3.26 5.39
HN12 GSH D . -0.32 3.69 4.33
HA1 GSH D . -0.73 4.84 6.27
HB12 GSH D . 1.52 4.81 7.02
HB13 GSH D . 1.91 5.84 5.87
HG12 GSH D . 0.59 7.47 6.84
HG13 GSH D . 0.12 6.43 7.96
HN2 GSH D . 0.99 8.65 8.98
HA2 GSH D . 3.54 8.18 9.95
HB22 GSH D . 3.71 10.52 10.36
HB23 GSH D . 2.38 10.72 9.53
HSG GSH D . 4.00 11.41 7.67
HN3 GSH D . 3.84 8.07 12.12
HA31 GSH D . 3.11 8.94 14.20
HA32 GSH D . 1.65 8.50 13.78
N1 GSH E . 3.37 -5.08 -2.02
CA1 GSH E . 3.71 -6.25 -2.84
C1 GSH E . 2.39 -6.89 -3.27
O11 GSH E . 2.32 -7.44 -4.40
O12 GSH E . 1.44 -6.86 -2.40
CB1 GSH E . 4.59 -7.20 -2.02
CG1 GSH E . 5.03 -8.39 -2.87
CD1 GSH E . 5.97 -9.30 -2.16
OE1 GSH E . 6.45 -9.05 -1.06
N2 GSH E . 6.31 -10.45 -2.83
CA2 GSH E . 7.23 -11.41 -2.34
C2 GSH E . 8.38 -11.53 -3.32
O2 GSH E . 8.21 -11.62 -4.51
CB2 GSH E . 6.58 -12.78 -2.17
SG2 GSH E . 5.39 -12.88 -0.84
N3 GSH E . 9.63 -11.58 -2.75
CA3 GSH E . 10.83 -11.77 -3.50
C3 GSH E . 11.82 -10.69 -3.21
O31 GSH E . 13.03 -10.96 -3.26
O32 GSH E . 11.49 -9.54 -2.87
HN11 GSH E . 2.73 -5.32 -1.40
HN12 GSH E . 4.12 -4.79 -1.57
HA1 GSH E . 4.20 -5.95 -3.64
HB12 GSH E . 5.38 -6.72 -1.72
HB13 GSH E . 4.08 -7.52 -1.25
HG12 GSH E . 4.23 -8.89 -3.13
HG13 GSH E . 5.46 -8.05 -3.68
HN2 GSH E . 5.95 -10.58 -3.66
HA2 GSH E . 7.58 -11.10 -1.48
HB22 GSH E . 7.29 -13.44 -1.99
HB23 GSH E . 6.13 -13.02 -3.00
HSG GSH E . 4.33 -13.11 -1.30
HN3 GSH E . 9.69 -11.55 -1.83
HA31 GSH E . 10.61 -11.76 -4.45
HA32 GSH E . 11.22 -12.64 -3.28
N1 GSH F . 13.87 -9.23 -0.74
CA1 GSH F . 12.96 -9.46 0.36
C1 GSH F . 13.42 -8.67 1.59
O11 GSH F . 12.59 -8.42 2.48
O12 GSH F . 14.61 -8.32 1.67
CB1 GSH F . 12.87 -10.94 0.67
CG1 GSH F . 11.75 -11.32 1.63
CD1 GSH F . 10.37 -11.01 1.11
OE1 GSH F . 10.12 -10.86 -0.08
N2 GSH F . 9.34 -10.91 2.06
CA2 GSH F . 8.00 -10.64 1.69
C2 GSH F . 7.55 -9.41 2.42
O2 GSH F . 7.97 -9.12 3.53
CB2 GSH F . 7.08 -11.81 2.03
SG2 GSH F . 7.36 -13.26 1.03
N3 GSH F . 6.64 -8.61 1.75
CA3 GSH F . 6.11 -7.42 2.32
C3 GSH F . 4.64 -7.23 2.03
O31 GSH F . 3.91 -8.23 1.87
O32 GSH F . 4.29 -6.03 1.96
HN11 GSH F . 14.23 -8.39 -0.67
HN12 GSH F . 14.54 -9.84 -0.71
HA1 GSH F . 12.07 -9.13 0.11
HB12 GSH F . 12.73 -11.42 -0.17
HB13 GSH F . 13.72 -11.24 1.06
HG12 GSH F . 11.81 -12.27 1.83
HG13 GSH F . 11.88 -10.82 2.47
HN2 GSH F . 9.54 -11.03 2.94
HA2 GSH F . 7.95 -10.47 0.73
HB22 GSH F . 6.16 -11.53 1.91
HB23 GSH F . 7.22 -12.05 2.97
HSG GSH F . 8.16 -13.02 0.19
HN3 GSH F . 6.35 -8.87 0.92
HA31 GSH F . 6.24 -7.46 3.29
HA32 GSH F . 6.61 -6.65 1.96
#